data_9NFC
#
_entry.id   9NFC
#
_cell.length_a   1.00
_cell.length_b   1.00
_cell.length_c   1.00
_cell.angle_alpha   90.00
_cell.angle_beta   90.00
_cell.angle_gamma   90.00
#
_symmetry.space_group_name_H-M   'P 1'
#
loop_
_entity.id
_entity.type
_entity.pdbx_description
1 polymer 'HLA class I histocompatibility antigen, A alpha chain'
2 polymer Beta-2-microglobulin
3 polymer 'GTPase KRas, N-terminally processed'
4 polymer 'R302 Fab light chain'
5 polymer 'R302 Fab heavy chain'
6 non-polymer 1-{(3S)-4-[(7M)-7-[6-amino-4-methyl-3-(trifluoromethyl)pyridin-2-yl]-6-chloro-8-fluoro-2-{[(2S)-1-methylpyrrolidin-2-yl]methoxy}quinazolin-4-yl]-3-methylpiperazin-1-yl}propan-1-one
#
loop_
_entity_poly.entity_id
_entity_poly.type
_entity_poly.pdbx_seq_one_letter_code
_entity_poly.pdbx_strand_id
1 'polypeptide(L)'
;MGSHSMRYFFTSVSRPGRGEPRFIAVGYVDDTQFVRFDSDAASQRMEPRAPWIEQEGPEYWDQETRNVKAQSQTDRVDLG
TLRGYYNQSEAGSHTIQIMYGCDVGSDGRFLRGYRQDAYDGKDYIALNEDLRSWTAADMAAQITKRKWEAAHEAEQLRAY
LDGTCVEWLRRYLENGKETLQRTDPPKTHMTHHPISDHEATLRCWALGFYPAEITLTWQRDGEDQTQDTELVETRPAGDG
TFQKWAAVVVPSGEEQRYTCHVQHEGLPKPLTLRWEGGGSGLNDIFEAQKIEWHEGGGSHHHHHHHH
;
A
2 'polypeptide(L)'
;GSIQRTPKIQVYSRHPAENGKSNFLNCYVSGFHPSDIEVDLLKNGERIEKVEHSDLSFSKDWSFYLLYYTEFTPTEKDEY
ACRVNHVTLSQPKIVKWDRDM
;
B
3 'polypeptide(L)' VVVGACGVGK C
4 'polypeptide(L)'
;DIVMTQSPATLSLSPGERATLSCRASQSLSSSFLAWYQQKPGQAPRLLIYGASSRATGIPDRFSGSGSGTDFTLTISRLE
PEDFAVYYCQQSESALTFGGGTKVEIKRTVAAPSVFIFPPSDSQLKSGTASVVCLLNNFYPREAKVQWKVDNALQSGNSQ
ESVTEQDSKDSTYSLSSTLTLSKADYEKHKVYACEVTHQGLSSPVTKSFNRGECGGGGSLPETG
;
D
5 'polypeptide(L)'
;EVQLLESGGGVVQPGRSLRLSCAASGFTFSSYGMHWVRQAPGKGLEWVAVISYDGSNKYYADSVKGRFTISRDNSKNTLY
LQMNSLRAEDTAVYYCLYGGNSYGMDVWGQGTMVTVFNQIKGPSVFPLAPSSKSTSGGTAALGCLVKDYFPEPVTVSWNS
GALTSGVHTFPAVLQSSGLYSLSSVVTVPSSSLGTQTYICNVNHKPSNTKVDKKVEPKSCDKTHT
;
E
#
loop_
_chem_comp.id
_chem_comp.type
_chem_comp.name
_chem_comp.formula
A1AWR non-polymer 1-{(3S)-4-[(7M)-7-[6-amino-4-methyl-3-(trifluoromethyl)pyridin-2-yl]-6-chloro-8-fluoro-2-{[(2S)-1-methylpyrrolidin-2-yl]methoxy}quinazolin-4-yl]-3-methylpiperazin-1-yl}propan-1-one 'C29 H34 Cl F4 N7 O2'
#
# COMPACT_ATOMS: atom_id res chain seq x y z
N GLY A 2 -11.82 25.03 3.59
CA GLY A 2 -12.47 23.76 3.34
C GLY A 2 -11.68 22.86 2.41
N SER A 3 -10.38 23.12 2.32
CA SER A 3 -9.51 22.34 1.45
C SER A 3 -9.21 20.98 2.08
N HIS A 4 -8.86 20.02 1.22
CA HIS A 4 -8.59 18.66 1.64
C HIS A 4 -7.36 18.15 0.91
N SER A 5 -6.69 17.16 1.51
CA SER A 5 -5.44 16.64 0.96
C SER A 5 -5.43 15.12 1.09
N MET A 6 -4.70 14.48 0.17
CA MET A 6 -4.43 13.05 0.24
C MET A 6 -2.93 12.86 0.12
N ARG A 7 -2.33 12.14 1.05
CA ARG A 7 -0.88 11.96 1.11
C ARG A 7 -0.52 10.50 1.23
N TYR A 8 0.64 10.15 0.68
CA TYR A 8 1.21 8.81 0.80
C TYR A 8 2.65 8.95 1.30
N PHE A 9 2.99 8.19 2.33
CA PHE A 9 4.31 8.23 2.94
C PHE A 9 4.96 6.86 2.81
N PHE A 10 6.18 6.83 2.27
CA PHE A 10 6.92 5.60 2.06
C PHE A 10 8.27 5.68 2.76
N THR A 11 8.60 4.64 3.51
CA THR A 11 9.89 4.52 4.17
C THR A 11 10.49 3.17 3.84
N SER A 12 11.76 3.17 3.43
CA SER A 12 12.49 1.96 3.10
C SER A 12 13.85 2.01 3.79
N VAL A 13 14.10 1.06 4.68
CA VAL A 13 15.32 1.02 5.48
C VAL A 13 16.06 -0.26 5.15
N SER A 14 17.31 -0.14 4.71
CA SER A 14 18.14 -1.31 4.44
C SER A 14 18.55 -1.97 5.76
N ARG A 15 18.61 -3.30 5.73
CA ARG A 15 19.01 -4.11 6.89
C ARG A 15 20.10 -5.06 6.43
N PRO A 16 21.34 -4.58 6.32
CA PRO A 16 22.42 -5.43 5.81
C PRO A 16 22.65 -6.63 6.72
N GLY A 17 22.68 -7.81 6.12
CA GLY A 17 22.85 -9.05 6.85
C GLY A 17 21.60 -9.59 7.50
N ARG A 18 20.51 -8.83 7.52
CA ARG A 18 19.26 -9.26 8.12
C ARG A 18 18.13 -9.37 7.11
N GLY A 19 18.46 -9.50 5.83
CA GLY A 19 17.44 -9.72 4.81
C GLY A 19 17.20 -8.52 3.91
N GLU A 20 16.01 -8.44 3.35
CA GLU A 20 15.61 -7.38 2.44
C GLU A 20 15.24 -6.13 3.22
N PRO A 21 15.25 -4.96 2.57
CA PRO A 21 14.92 -3.72 3.28
C PRO A 21 13.50 -3.74 3.83
N ARG A 22 13.33 -3.06 4.97
CA ARG A 22 12.01 -2.92 5.58
C ARG A 22 11.26 -1.77 4.91
N PHE A 23 10.06 -2.04 4.42
CA PHE A 23 9.27 -1.07 3.68
C PHE A 23 7.94 -0.82 4.38
N ILE A 24 7.65 0.44 4.64
CA ILE A 24 6.37 0.88 5.21
C ILE A 24 5.73 1.87 4.26
N ALA A 25 4.46 1.66 3.94
CA ALA A 25 3.67 2.59 3.15
C ALA A 25 2.40 2.92 3.89
N VAL A 26 2.11 4.21 4.00
CA VAL A 26 0.94 4.70 4.75
C VAL A 26 0.27 5.77 3.92
N GLY A 27 -1.06 5.71 3.82
CA GLY A 27 -1.85 6.68 3.09
C GLY A 27 -2.72 7.49 4.03
N TYR A 28 -2.87 8.78 3.72
CA TYR A 28 -3.61 9.72 4.56
C TYR A 28 -4.58 10.51 3.73
N VAL A 29 -5.77 10.78 4.28
CA VAL A 29 -6.66 11.81 3.78
C VAL A 29 -6.87 12.81 4.91
N ASP A 30 -6.34 14.01 4.73
CA ASP A 30 -6.27 15.03 5.80
C ASP A 30 -5.47 14.40 6.94
N ASP A 31 -5.99 14.37 8.16
CA ASP A 31 -5.29 13.80 9.30
C ASP A 31 -5.64 12.34 9.56
N THR A 32 -6.44 11.73 8.69
CA THR A 32 -6.93 10.37 8.91
C THR A 32 -6.18 9.40 8.00
N GLN A 33 -5.59 8.37 8.59
CA GLN A 33 -4.97 7.30 7.83
C GLN A 33 -6.03 6.28 7.41
N PHE A 34 -5.95 5.84 6.16
CA PHE A 34 -6.93 4.90 5.64
C PHE A 34 -6.34 3.64 5.01
N VAL A 35 -5.05 3.63 4.66
CA VAL A 35 -4.40 2.43 4.13
C VAL A 35 -3.02 2.29 4.75
N ARG A 36 -2.49 1.07 4.67
CA ARG A 36 -1.18 0.75 5.22
C ARG A 36 -0.64 -0.49 4.55
N PHE A 37 0.67 -0.50 4.27
CA PHE A 37 1.36 -1.69 3.82
C PHE A 37 2.65 -1.83 4.63
N ASP A 38 2.88 -3.04 5.15
CA ASP A 38 4.10 -3.34 5.90
C ASP A 38 4.72 -4.60 5.31
N SER A 39 6.01 -4.51 4.97
CA SER A 39 6.70 -5.66 4.39
C SER A 39 6.92 -6.78 5.41
N ASP A 40 6.91 -6.46 6.70
CA ASP A 40 7.09 -7.47 7.74
C ASP A 40 5.78 -8.13 8.16
N ALA A 41 4.65 -7.66 7.66
CA ALA A 41 3.38 -8.27 7.99
C ALA A 41 3.21 -9.58 7.23
N ALA A 42 2.31 -10.43 7.73
CA ALA A 42 2.10 -11.74 7.14
C ALA A 42 1.30 -11.68 5.84
N SER A 43 0.33 -10.78 5.74
CA SER A 43 -0.56 -10.77 4.59
C SER A 43 0.16 -10.33 3.32
N GLN A 44 1.14 -9.42 3.46
CA GLN A 44 1.84 -8.84 2.31
C GLN A 44 0.88 -8.16 1.35
N ARG A 45 -0.15 -7.51 1.89
CA ARG A 45 -1.16 -6.82 1.12
C ARG A 45 -1.41 -5.45 1.72
N MET A 46 -1.87 -4.52 0.90
CA MET A 46 -2.35 -3.24 1.40
C MET A 46 -3.61 -3.47 2.22
N GLU A 47 -3.67 -2.84 3.39
CA GLU A 47 -4.75 -3.10 4.33
C GLU A 47 -5.48 -1.80 4.69
N PRO A 48 -6.79 -1.88 4.89
CA PRO A 48 -7.54 -0.68 5.30
C PRO A 48 -7.23 -0.28 6.74
N ARG A 49 -7.30 1.03 6.97
CA ARG A 49 -7.21 1.57 8.32
C ARG A 49 -8.39 2.46 8.67
N ALA A 50 -9.32 2.69 7.73
CA ALA A 50 -10.50 3.49 7.94
C ALA A 50 -11.74 2.68 7.55
N PRO A 51 -12.89 2.94 8.17
CA PRO A 51 -14.09 2.17 7.85
C PRO A 51 -14.67 2.49 6.49
N TRP A 52 -14.52 3.74 6.03
CA TRP A 52 -15.11 4.15 4.76
C TRP A 52 -14.34 3.64 3.56
N ILE A 53 -13.09 3.18 3.75
CA ILE A 53 -12.32 2.60 2.65
C ILE A 53 -12.54 1.10 2.53
N GLU A 54 -13.14 0.46 3.53
CA GLU A 54 -13.37 -0.98 3.49
C GLU A 54 -14.48 -1.36 2.54
N GLN A 55 -15.25 -0.39 2.03
CA GLN A 55 -16.30 -0.68 1.07
C GLN A 55 -15.78 -0.89 -0.34
N GLU A 56 -14.50 -0.66 -0.59
CA GLU A 56 -13.92 -0.88 -1.90
C GLU A 56 -13.86 -2.38 -2.20
N GLY A 57 -13.96 -2.71 -3.48
CA GLY A 57 -13.95 -4.09 -3.92
C GLY A 57 -12.58 -4.72 -3.82
N PRO A 58 -12.54 -6.05 -3.86
CA PRO A 58 -11.23 -6.74 -3.77
C PRO A 58 -10.29 -6.42 -4.92
N GLU A 59 -10.81 -6.06 -6.09
CA GLU A 59 -9.93 -5.68 -7.19
C GLU A 59 -9.18 -4.39 -6.88
N TYR A 60 -9.80 -3.48 -6.13
CA TYR A 60 -9.11 -2.28 -5.66
C TYR A 60 -7.91 -2.65 -4.80
N TRP A 61 -8.10 -3.59 -3.87
CA TRP A 61 -7.01 -3.98 -3.00
C TRP A 61 -5.92 -4.75 -3.75
N ASP A 62 -6.31 -5.53 -4.76
CA ASP A 62 -5.31 -6.18 -5.61
C ASP A 62 -4.46 -5.15 -6.34
N GLN A 63 -5.10 -4.14 -6.92
CA GLN A 63 -4.37 -3.09 -7.63
C GLN A 63 -3.46 -2.33 -6.68
N GLU A 64 -3.97 -1.99 -5.49
CA GLU A 64 -3.16 -1.27 -4.51
C GLU A 64 -1.95 -2.10 -4.08
N THR A 65 -2.16 -3.40 -3.84
CA THR A 65 -1.05 -4.26 -3.44
C THR A 65 0.00 -4.35 -4.54
N ARG A 66 -0.44 -4.52 -5.79
CA ARG A 66 0.50 -4.60 -6.90
C ARG A 66 1.33 -3.32 -7.00
N ASN A 67 0.67 -2.17 -6.97
CA ASN A 67 1.39 -0.91 -7.14
C ASN A 67 2.33 -0.63 -5.96
N VAL A 68 1.88 -0.92 -4.74
CA VAL A 68 2.73 -0.66 -3.58
C VAL A 68 3.93 -1.60 -3.56
N LYS A 69 3.76 -2.84 -4.01
CA LYS A 69 4.91 -3.74 -4.09
C LYS A 69 5.88 -3.30 -5.19
N ALA A 70 5.36 -2.77 -6.29
CA ALA A 70 6.23 -2.19 -7.31
C ALA A 70 7.04 -1.03 -6.73
N GLN A 71 6.40 -0.16 -5.95
CA GLN A 71 7.10 0.94 -5.31
C GLN A 71 8.16 0.42 -4.33
N SER A 72 7.83 -0.66 -3.61
CA SER A 72 8.79 -1.25 -2.68
C SER A 72 10.03 -1.75 -3.42
N GLN A 73 9.83 -2.43 -4.56
CA GLN A 73 10.98 -2.89 -5.35
C GLN A 73 11.80 -1.73 -5.88
N THR A 74 11.11 -0.66 -6.32
CA THR A 74 11.83 0.53 -6.81
C THR A 74 12.70 1.12 -5.71
N ASP A 75 12.16 1.26 -4.51
CA ASP A 75 12.94 1.76 -3.39
C ASP A 75 14.09 0.82 -3.03
N ARG A 76 13.86 -0.49 -3.14
CA ARG A 76 14.91 -1.46 -2.84
C ARG A 76 16.10 -1.28 -3.79
N VAL A 77 15.83 -1.07 -5.08
CA VAL A 77 16.91 -0.84 -6.03
C VAL A 77 17.55 0.52 -5.80
N ASP A 78 16.75 1.54 -5.51
CA ASP A 78 17.28 2.88 -5.31
C ASP A 78 18.17 2.96 -4.08
N LEU A 79 17.94 2.10 -3.09
CA LEU A 79 18.81 2.08 -1.92
C LEU A 79 20.25 1.74 -2.32
N GLY A 80 20.42 0.69 -3.12
CA GLY A 80 21.75 0.35 -3.61
C GLY A 80 22.31 1.41 -4.54
N THR A 81 21.46 1.98 -5.40
CA THR A 81 21.94 3.03 -6.30
C THR A 81 22.47 4.23 -5.52
N LEU A 82 21.76 4.67 -4.48
CA LEU A 82 22.18 5.81 -3.69
C LEU A 82 23.35 5.47 -2.78
N ARG A 83 23.46 4.22 -2.33
CA ARG A 83 24.66 3.81 -1.64
C ARG A 83 25.88 3.91 -2.55
N GLY A 84 25.72 3.55 -3.82
CA GLY A 84 26.79 3.75 -4.78
C GLY A 84 27.08 5.22 -5.03
N TYR A 85 26.04 6.06 -5.05
CA TYR A 85 26.22 7.48 -5.33
C TYR A 85 27.10 8.16 -4.29
N TYR A 86 26.87 7.86 -3.01
CA TYR A 86 27.53 8.56 -1.91
C TYR A 86 28.78 7.87 -1.40
N ASN A 87 29.23 6.81 -2.07
CA ASN A 87 30.42 6.06 -1.66
C ASN A 87 30.27 5.52 -0.24
N GLN A 88 29.11 4.93 0.04
CA GLN A 88 28.82 4.37 1.34
C GLN A 88 29.09 2.87 1.35
N SER A 89 29.51 2.36 2.51
CA SER A 89 29.83 0.95 2.66
C SER A 89 28.55 0.12 2.72
N GLU A 90 28.74 -1.20 2.58
CA GLU A 90 27.62 -2.12 2.64
C GLU A 90 27.22 -2.49 4.06
N ALA A 91 28.01 -2.13 5.06
CA ALA A 91 27.72 -2.51 6.44
C ALA A 91 26.60 -1.66 7.04
N GLY A 92 26.58 -0.37 6.74
CA GLY A 92 25.64 0.52 7.38
C GLY A 92 24.23 0.42 6.81
N SER A 93 23.27 0.88 7.60
CA SER A 93 21.86 0.91 7.24
C SER A 93 21.47 2.32 6.83
N HIS A 94 20.69 2.42 5.75
CA HIS A 94 20.30 3.72 5.21
C HIS A 94 18.82 3.73 4.91
N THR A 95 18.24 4.93 4.92
CA THR A 95 16.81 5.12 4.78
C THR A 95 16.50 5.99 3.57
N ILE A 96 15.46 5.62 2.84
CA ILE A 96 14.90 6.43 1.76
C ILE A 96 13.45 6.72 2.11
N GLN A 97 13.10 8.00 2.13
CA GLN A 97 11.75 8.44 2.43
C GLN A 97 11.16 9.15 1.22
N ILE A 98 9.92 8.83 0.89
CA ILE A 98 9.21 9.42 -0.24
C ILE A 98 7.82 9.84 0.24
N MET A 99 7.42 11.05 -0.14
CA MET A 99 6.07 11.53 0.12
C MET A 99 5.54 12.21 -1.13
N TYR A 100 4.30 11.92 -1.49
CA TYR A 100 3.63 12.62 -2.58
C TYR A 100 2.14 12.68 -2.30
N GLY A 101 1.47 13.62 -2.95
CA GLY A 101 0.04 13.77 -2.77
C GLY A 101 -0.47 14.97 -3.53
N CYS A 102 -1.76 15.26 -3.31
CA CYS A 102 -2.44 16.34 -4.00
C CYS A 102 -3.33 17.10 -3.04
N ASP A 103 -3.53 18.37 -3.34
CA ASP A 103 -4.41 19.23 -2.57
C ASP A 103 -5.64 19.55 -3.40
N VAL A 104 -6.80 19.61 -2.74
CA VAL A 104 -8.06 19.88 -3.39
C VAL A 104 -8.76 21.00 -2.63
N GLY A 105 -9.60 21.75 -3.33
CA GLY A 105 -10.32 22.85 -2.72
C GLY A 105 -11.70 22.43 -2.23
N SER A 106 -12.44 23.43 -1.75
CA SER A 106 -13.82 23.19 -1.35
C SER A 106 -14.71 22.87 -2.55
N ASP A 107 -14.41 23.47 -3.70
CA ASP A 107 -15.12 23.16 -4.93
C ASP A 107 -14.77 21.79 -5.49
N GLY A 108 -13.76 21.13 -4.94
CA GLY A 108 -13.29 19.87 -5.48
C GLY A 108 -12.26 20.00 -6.58
N ARG A 109 -11.68 21.17 -6.76
CA ARG A 109 -10.72 21.40 -7.83
C ARG A 109 -9.29 21.28 -7.32
N PHE A 110 -8.40 20.84 -8.19
CA PHE A 110 -7.00 20.66 -7.84
C PHE A 110 -6.36 21.97 -7.43
N LEU A 111 -5.53 21.93 -6.38
CA LEU A 111 -4.78 23.09 -5.94
C LEU A 111 -3.27 22.91 -6.09
N ARG A 112 -2.70 21.86 -5.50
CA ARG A 112 -1.26 21.69 -5.44
C ARG A 112 -0.90 20.22 -5.51
N GLY A 113 0.27 19.95 -6.10
CA GLY A 113 0.79 18.60 -6.15
C GLY A 113 2.19 18.56 -5.59
N TYR A 114 2.53 17.41 -5.00
CA TYR A 114 3.78 17.28 -4.26
C TYR A 114 4.45 15.95 -4.57
N ARG A 115 5.78 15.96 -4.54
CA ARG A 115 6.56 14.73 -4.40
C ARG A 115 7.93 15.12 -3.87
N GLN A 116 8.25 14.70 -2.65
CA GLN A 116 9.54 14.97 -2.03
C GLN A 116 10.20 13.65 -1.65
N ASP A 117 11.48 13.54 -1.96
CA ASP A 117 12.28 12.36 -1.62
C ASP A 117 13.40 12.75 -0.67
N ALA A 118 13.77 11.82 0.19
CA ALA A 118 14.84 12.04 1.17
C ALA A 118 15.76 10.83 1.20
N TYR A 119 17.02 11.09 1.56
CA TYR A 119 18.00 10.03 1.81
C TYR A 119 18.68 10.31 3.14
N ASP A 120 18.53 9.39 4.08
CA ASP A 120 19.09 9.52 5.42
C ASP A 120 18.57 10.75 6.16
N GLY A 121 17.31 11.10 5.91
CA GLY A 121 16.67 12.19 6.63
C GLY A 121 16.89 13.57 6.07
N LYS A 122 17.64 13.70 4.98
CA LYS A 122 17.87 14.99 4.34
C LYS A 122 17.22 15.00 2.97
N ASP A 123 16.91 16.20 2.49
CA ASP A 123 16.32 16.36 1.16
C ASP A 123 17.21 15.75 0.10
N TYR A 124 16.60 15.02 -0.84
CA TYR A 124 17.31 14.49 -1.99
C TYR A 124 16.86 15.14 -3.29
N ILE A 125 15.57 15.04 -3.61
CA ILE A 125 15.02 15.62 -4.82
C ILE A 125 13.54 15.90 -4.61
N ALA A 126 13.06 17.00 -5.17
CA ALA A 126 11.66 17.39 -5.00
C ALA A 126 11.13 17.95 -6.31
N LEU A 127 9.84 17.72 -6.54
CA LEU A 127 9.16 18.35 -7.66
C LEU A 127 8.83 19.80 -7.31
N ASN A 128 8.99 20.68 -8.30
CA ASN A 128 8.69 22.08 -8.08
C ASN A 128 7.18 22.32 -8.14
N GLU A 129 6.77 23.52 -7.74
CA GLU A 129 5.35 23.85 -7.69
C GLU A 129 4.71 23.82 -9.07
N ASP A 130 5.48 24.11 -10.12
CA ASP A 130 4.94 24.04 -11.48
C ASP A 130 4.69 22.61 -11.94
N LEU A 131 5.14 21.62 -11.18
CA LEU A 131 5.00 20.20 -11.52
C LEU A 131 5.70 19.85 -12.82
N ARG A 132 6.78 20.57 -13.14
CA ARG A 132 7.52 20.37 -14.38
C ARG A 132 9.02 20.25 -14.19
N SER A 133 9.58 20.75 -13.10
CA SER A 133 11.02 20.74 -12.87
C SER A 133 11.32 20.13 -11.51
N TRP A 134 12.58 19.73 -11.34
CA TRP A 134 13.06 19.11 -10.13
C TRP A 134 14.07 20.00 -9.43
N THR A 135 14.13 19.88 -8.11
CA THR A 135 15.11 20.59 -7.29
C THR A 135 15.99 19.56 -6.58
N ALA A 136 17.29 19.62 -6.84
CA ALA A 136 18.24 18.68 -6.25
C ALA A 136 18.99 19.34 -5.11
N ALA A 137 19.33 18.54 -4.10
CA ALA A 137 19.97 19.08 -2.90
C ALA A 137 21.48 18.93 -2.90
N ASP A 138 22.04 18.01 -3.70
CA ASP A 138 23.48 17.79 -3.72
C ASP A 138 23.86 17.24 -5.09
N MET A 139 25.15 16.93 -5.25
CA MET A 139 25.65 16.48 -6.53
C MET A 139 25.16 15.08 -6.89
N ALA A 140 24.99 14.20 -5.89
CA ALA A 140 24.45 12.88 -6.18
C ALA A 140 23.02 12.95 -6.68
N ALA A 141 22.26 13.95 -6.23
CA ALA A 141 20.89 14.14 -6.70
C ALA A 141 20.82 14.75 -8.09
N GLN A 142 21.89 15.38 -8.57
CA GLN A 142 21.87 15.90 -9.94
C GLN A 142 21.89 14.79 -10.97
N ILE A 143 22.52 13.65 -10.65
CA ILE A 143 22.44 12.49 -11.53
C ILE A 143 21.01 12.02 -11.67
N THR A 144 20.29 11.94 -10.54
CA THR A 144 18.88 11.56 -10.57
C THR A 144 18.05 12.59 -11.32
N LYS A 145 18.35 13.88 -11.13
CA LYS A 145 17.63 14.93 -11.84
C LYS A 145 17.83 14.82 -13.34
N ARG A 146 19.06 14.58 -13.78
CA ARG A 146 19.32 14.39 -15.21
C ARG A 146 18.60 13.17 -15.75
N LYS A 147 18.62 12.06 -14.98
CA LYS A 147 17.92 10.85 -15.42
C LYS A 147 16.42 11.11 -15.55
N TRP A 148 15.83 11.81 -14.59
CA TRP A 148 14.39 12.04 -14.59
C TRP A 148 13.97 13.07 -15.62
N GLU A 149 14.86 14.00 -15.96
CA GLU A 149 14.56 14.91 -17.07
C GLU A 149 14.68 14.19 -18.42
N ALA A 150 15.67 13.31 -18.55
CA ALA A 150 15.81 12.53 -19.78
C ALA A 150 14.70 11.51 -19.96
N ALA A 151 14.04 11.11 -18.86
CA ALA A 151 12.95 10.14 -18.92
C ALA A 151 11.57 10.79 -18.95
N HIS A 152 11.49 12.11 -18.82
CA HIS A 152 10.22 12.83 -18.79
C HIS A 152 9.30 12.29 -17.69
N GLU A 153 9.91 12.00 -16.53
CA GLU A 153 9.17 11.48 -15.38
C GLU A 153 8.20 12.50 -14.80
N ALA A 154 8.55 13.79 -14.84
CA ALA A 154 7.68 14.82 -14.30
C ALA A 154 6.36 14.88 -15.03
N GLU A 155 6.33 14.51 -16.32
CA GLU A 155 5.07 14.54 -17.07
C GLU A 155 4.10 13.49 -16.55
N GLN A 156 4.56 12.25 -16.36
CA GLN A 156 3.70 11.21 -15.81
C GLN A 156 3.30 11.54 -14.37
N LEU A 157 4.24 12.07 -13.59
CA LEU A 157 3.91 12.45 -12.22
C LEU A 157 2.85 13.54 -12.19
N ARG A 158 2.95 14.52 -13.08
CA ARG A 158 1.96 15.59 -13.15
C ARG A 158 0.61 15.04 -13.59
N ALA A 159 0.60 14.10 -14.53
CA ALA A 159 -0.65 13.47 -14.93
C ALA A 159 -1.32 12.79 -13.75
N TYR A 160 -0.55 12.02 -12.96
CA TYR A 160 -1.12 11.38 -11.78
C TYR A 160 -1.63 12.41 -10.78
N LEU A 161 -0.84 13.45 -10.51
CA LEU A 161 -1.20 14.39 -9.46
C LEU A 161 -2.44 15.20 -9.84
N ASP A 162 -2.54 15.62 -11.10
CA ASP A 162 -3.69 16.42 -11.53
C ASP A 162 -4.93 15.57 -11.72
N GLY A 163 -4.80 14.43 -12.40
CA GLY A 163 -5.97 13.67 -12.75
C GLY A 163 -6.41 12.58 -11.80
N THR A 164 -5.52 11.64 -11.48
CA THR A 164 -5.92 10.46 -10.73
C THR A 164 -6.04 10.77 -9.24
N CYS A 165 -5.06 11.47 -8.69
CA CYS A 165 -5.05 11.77 -7.26
C CYS A 165 -6.28 12.59 -6.88
N VAL A 166 -6.61 13.59 -7.69
CA VAL A 166 -7.71 14.49 -7.35
C VAL A 166 -9.06 13.76 -7.43
N GLU A 167 -9.27 12.97 -8.47
CA GLU A 167 -10.54 12.25 -8.60
C GLU A 167 -10.70 11.21 -7.51
N TRP A 168 -9.64 10.49 -7.16
CA TRP A 168 -9.75 9.51 -6.09
C TRP A 168 -9.90 10.17 -4.73
N LEU A 169 -9.30 11.35 -4.54
CA LEU A 169 -9.53 12.11 -3.31
C LEU A 169 -10.98 12.55 -3.21
N ARG A 170 -11.57 13.00 -4.32
CA ARG A 170 -12.99 13.34 -4.31
C ARG A 170 -13.85 12.12 -3.96
N ARG A 171 -13.52 10.97 -4.55
CA ARG A 171 -14.28 9.76 -4.26
C ARG A 171 -14.16 9.36 -2.78
N TYR A 172 -12.95 9.44 -2.23
CA TYR A 172 -12.76 9.13 -0.81
C TYR A 172 -13.52 10.12 0.07
N LEU A 173 -13.49 11.40 -0.28
CA LEU A 173 -14.19 12.41 0.51
C LEU A 173 -15.69 12.20 0.47
N GLU A 174 -16.23 11.71 -0.65
CA GLU A 174 -17.65 11.41 -0.70
C GLU A 174 -17.97 10.14 0.08
N ASN A 175 -17.11 9.11 -0.01
CA ASN A 175 -17.35 7.87 0.71
C ASN A 175 -17.28 8.09 2.22
N GLY A 176 -16.33 8.91 2.67
CA GLY A 176 -16.19 9.17 4.09
C GLY A 176 -16.66 10.56 4.49
N LYS A 177 -17.76 11.02 3.90
CA LYS A 177 -18.23 12.36 4.17
C LYS A 177 -18.67 12.54 5.62
N GLU A 178 -19.11 11.47 6.27
CA GLU A 178 -19.54 11.58 7.67
C GLU A 178 -18.36 11.76 8.61
N THR A 179 -17.17 11.27 8.22
CA THR A 179 -15.98 11.33 9.05
C THR A 179 -14.95 12.33 8.54
N LEU A 180 -14.65 12.29 7.24
CA LEU A 180 -13.59 13.14 6.69
C LEU A 180 -13.99 14.61 6.71
N GLN A 181 -15.28 14.92 6.53
CA GLN A 181 -15.75 16.29 6.47
C GLN A 181 -16.31 16.79 7.80
N ARG A 182 -15.96 16.13 8.89
CA ARG A 182 -16.35 16.60 10.22
C ARG A 182 -15.31 17.58 10.73
N THR A 183 -15.72 18.39 11.70
CA THR A 183 -14.83 19.34 12.35
C THR A 183 -15.24 19.47 13.80
N ASP A 184 -14.42 18.93 14.70
CA ASP A 184 -14.76 18.87 16.11
C ASP A 184 -14.15 20.06 16.84
N PRO A 185 -14.96 20.96 17.42
CA PRO A 185 -14.38 22.03 18.22
C PRO A 185 -13.69 21.46 19.45
N PRO A 186 -12.62 22.11 19.90
CA PRO A 186 -11.89 21.58 21.06
C PRO A 186 -12.72 21.66 22.34
N LYS A 187 -12.55 20.66 23.20
CA LYS A 187 -13.07 20.71 24.55
C LYS A 187 -12.01 21.36 25.43
N THR A 188 -12.25 22.62 25.81
CA THR A 188 -11.21 23.49 26.33
C THR A 188 -11.44 23.76 27.81
N HIS A 189 -10.37 23.67 28.59
CA HIS A 189 -10.45 23.98 30.02
C HIS A 189 -9.09 24.41 30.50
N MET A 190 -9.07 25.03 31.68
CA MET A 190 -7.87 25.63 32.25
C MET A 190 -7.60 25.05 33.64
N THR A 191 -6.33 24.80 33.92
CA THR A 191 -5.92 24.20 35.18
C THR A 191 -4.81 25.02 35.81
N HIS A 192 -4.76 24.99 37.15
CA HIS A 192 -3.80 25.76 37.93
C HIS A 192 -3.05 24.83 38.86
N HIS A 193 -1.71 24.96 38.88
CA HIS A 193 -0.87 24.18 39.76
C HIS A 193 0.17 25.10 40.41
N PRO A 194 0.28 25.12 41.74
CA PRO A 194 1.24 26.00 42.40
C PRO A 194 2.65 25.42 42.37
N ILE A 195 3.61 26.23 41.94
CA ILE A 195 5.00 25.81 41.91
C ILE A 195 5.70 26.17 43.21
N ALA A 200 3.44 29.89 40.50
CA ALA A 200 2.44 28.92 40.05
C ALA A 200 2.39 28.87 38.53
N THR A 201 1.57 27.96 37.99
CA THR A 201 1.43 27.79 36.55
C THR A 201 -0.04 27.67 36.19
N LEU A 202 -0.35 28.03 34.95
CA LEU A 202 -1.70 27.90 34.40
C LEU A 202 -1.60 27.14 33.09
N ARG A 203 -2.34 26.05 32.97
CA ARG A 203 -2.31 25.19 31.79
C ARG A 203 -3.63 25.30 31.03
N CYS A 204 -3.54 25.58 29.74
CA CYS A 204 -4.69 25.73 28.87
C CYS A 204 -4.82 24.49 27.99
N TRP A 205 -5.82 23.66 28.27
CA TRP A 205 -5.99 22.38 27.60
C TRP A 205 -6.91 22.53 26.39
N ALA A 206 -6.58 21.81 25.33
CA ALA A 206 -7.43 21.70 24.14
C ALA A 206 -7.50 20.23 23.76
N LEU A 207 -8.68 19.63 23.92
CA LEU A 207 -8.83 18.18 23.78
C LEU A 207 -9.93 17.84 22.79
N GLY A 208 -9.74 16.72 22.10
CA GLY A 208 -10.77 16.16 21.24
C GLY A 208 -11.18 17.00 20.05
N PHE A 209 -10.22 17.60 19.35
CA PHE A 209 -10.51 18.42 18.19
C PHE A 209 -9.99 17.75 16.92
N TYR A 210 -10.72 17.97 15.83
CA TYR A 210 -10.32 17.50 14.51
C TYR A 210 -10.70 18.61 13.54
N PRO A 211 -9.80 18.99 12.62
CA PRO A 211 -8.44 18.46 12.38
C PRO A 211 -7.42 18.91 13.41
N ALA A 212 -6.14 18.59 13.18
CA ALA A 212 -5.08 18.83 14.14
C ALA A 212 -4.57 20.27 14.16
N GLU A 213 -5.00 21.11 13.22
CA GLU A 213 -4.52 22.48 13.17
C GLU A 213 -5.22 23.31 14.23
N ILE A 214 -4.45 23.86 15.17
CA ILE A 214 -5.00 24.63 16.28
C ILE A 214 -3.96 25.66 16.70
N THR A 215 -4.42 26.74 17.31
CA THR A 215 -3.54 27.81 17.80
C THR A 215 -3.92 28.12 19.25
N LEU A 216 -2.96 27.96 20.16
CA LEU A 216 -3.13 28.33 21.55
C LEU A 216 -2.16 29.46 21.87
N THR A 217 -2.70 30.60 22.31
CA THR A 217 -1.90 31.78 22.59
C THR A 217 -2.23 32.31 23.98
N TRP A 218 -1.18 32.69 24.72
CA TRP A 218 -1.33 33.28 26.03
C TRP A 218 -1.05 34.78 25.95
N GLN A 219 -1.94 35.58 26.54
CA GLN A 219 -1.81 37.02 26.55
C GLN A 219 -1.83 37.53 27.99
N ARG A 220 -0.88 38.40 28.33
CA ARG A 220 -0.86 39.09 29.60
C ARG A 220 -1.45 40.48 29.38
N ASP A 221 -2.69 40.68 29.81
CA ASP A 221 -3.42 41.93 29.64
C ASP A 221 -3.51 42.36 28.18
N GLY A 222 -3.45 41.39 27.26
CA GLY A 222 -3.50 41.68 25.85
C GLY A 222 -2.17 41.65 25.12
N GLU A 223 -1.09 41.25 25.79
CA GLU A 223 0.23 41.17 25.18
C GLU A 223 0.70 39.72 25.19
N ASP A 224 1.16 39.24 24.03
CA ASP A 224 1.58 37.86 23.91
C ASP A 224 2.85 37.59 24.72
N GLN A 225 2.93 36.41 25.30
CA GLN A 225 4.09 36.00 26.07
C GLN A 225 5.26 35.66 25.16
N GLU A 230 5.24 27.38 28.13
CA GLU A 230 5.57 26.09 27.54
C GLU A 230 4.45 25.61 26.64
N LEU A 231 4.82 25.12 25.45
CA LEU A 231 3.86 24.67 24.45
C LEU A 231 4.30 23.31 23.93
N VAL A 232 3.49 22.29 24.18
CA VAL A 232 3.76 20.97 23.62
C VAL A 232 3.11 20.86 22.25
N GLU A 233 3.69 20.01 21.40
CA GLU A 233 3.17 19.84 20.06
C GLU A 233 1.88 19.02 20.09
N THR A 234 1.05 19.21 19.07
CA THR A 234 -0.22 18.49 18.98
C THR A 234 0.04 16.99 18.92
N ARG A 235 -0.69 16.24 19.75
CA ARG A 235 -0.48 14.81 19.86
C ARG A 235 -1.79 14.08 19.61
N PRO A 236 -1.72 12.87 19.06
CA PRO A 236 -2.96 12.12 18.77
C PRO A 236 -3.58 11.58 20.05
N ALA A 237 -4.90 11.71 20.15
CA ALA A 237 -5.63 11.11 21.25
C ALA A 237 -5.80 9.61 21.09
N GLY A 238 -5.68 9.09 19.86
CA GLY A 238 -5.82 7.68 19.59
C GLY A 238 -7.16 7.28 19.03
N ASP A 239 -8.16 8.17 19.03
CA ASP A 239 -9.49 7.86 18.55
C ASP A 239 -9.92 8.77 17.41
N GLY A 240 -8.97 9.28 16.62
CA GLY A 240 -9.28 10.18 15.54
C GLY A 240 -9.33 11.64 15.90
N THR A 241 -9.07 11.99 17.15
CA THR A 241 -9.01 13.37 17.62
C THR A 241 -7.60 13.68 18.09
N PHE A 242 -7.37 14.93 18.48
CA PHE A 242 -6.05 15.40 18.85
C PHE A 242 -6.13 16.22 20.13
N GLN A 243 -4.99 16.33 20.82
CA GLN A 243 -4.88 17.07 22.06
C GLN A 243 -3.68 18.00 22.01
N LYS A 244 -3.78 19.09 22.76
CA LYS A 244 -2.70 20.06 22.89
C LYS A 244 -2.95 20.89 24.13
N TRP A 245 -1.86 21.38 24.73
CA TRP A 245 -1.99 22.32 25.84
C TRP A 245 -0.81 23.28 25.83
N ALA A 246 -1.04 24.43 26.45
CA ALA A 246 -0.02 25.45 26.63
C ALA A 246 0.01 25.85 28.10
N ALA A 247 1.20 26.21 28.58
CA ALA A 247 1.38 26.55 29.99
C ALA A 247 2.13 27.86 30.11
N VAL A 248 1.85 28.58 31.19
CA VAL A 248 2.53 29.82 31.52
C VAL A 248 2.79 29.84 33.03
N VAL A 249 3.99 30.25 33.42
CA VAL A 249 4.35 30.36 34.82
C VAL A 249 4.05 31.78 35.28
N VAL A 250 3.18 31.91 36.28
CA VAL A 250 2.69 33.22 36.70
C VAL A 250 2.97 33.43 38.19
N PRO A 251 3.24 34.67 38.62
CA PRO A 251 3.37 34.93 40.05
C PRO A 251 2.03 34.81 40.75
N SER A 252 2.09 34.55 42.05
CA SER A 252 0.89 34.40 42.87
C SER A 252 0.04 35.69 42.86
N ARG A 257 -5.58 38.25 35.16
CA ARG A 257 -4.99 39.13 34.17
C ARG A 257 -4.44 38.33 32.99
N TYR A 258 -4.49 37.01 33.10
CA TYR A 258 -3.99 36.11 32.06
C TYR A 258 -5.14 35.46 31.33
N THR A 259 -5.05 35.43 30.00
CA THR A 259 -6.08 34.83 29.17
C THR A 259 -5.44 33.94 28.12
N CYS A 260 -6.11 32.81 27.85
CA CYS A 260 -5.69 31.87 26.82
C CYS A 260 -6.69 31.90 25.67
N HIS A 261 -6.19 31.95 24.45
CA HIS A 261 -7.02 32.08 23.26
C HIS A 261 -6.83 30.86 22.37
N VAL A 262 -7.93 30.29 21.92
CA VAL A 262 -7.94 29.07 21.13
C VAL A 262 -8.58 29.37 19.78
N GLN A 263 -7.90 28.98 18.71
CA GLN A 263 -8.41 29.14 17.35
C GLN A 263 -8.46 27.78 16.68
N HIS A 264 -9.65 27.37 16.25
CA HIS A 264 -9.83 26.10 15.57
C HIS A 264 -10.93 26.25 14.52
N GLU A 265 -10.92 25.37 13.53
CA GLU A 265 -11.90 25.42 12.46
C GLU A 265 -13.31 25.21 12.99
N GLY A 266 -13.48 24.26 13.91
CA GLY A 266 -14.80 23.98 14.46
C GLY A 266 -15.33 25.05 15.38
N LEU A 267 -14.44 25.86 15.94
CA LEU A 267 -14.87 26.93 16.83
C LEU A 267 -15.39 28.12 16.02
N PRO A 268 -16.61 28.59 16.30
CA PRO A 268 -17.13 29.76 15.56
C PRO A 268 -16.26 31.00 15.71
N LYS A 269 -15.92 31.36 16.94
CA LYS A 269 -15.09 32.52 17.24
C LYS A 269 -13.96 32.11 18.16
N PRO A 270 -12.83 32.81 18.11
CA PRO A 270 -11.71 32.48 19.00
C PRO A 270 -12.11 32.61 20.47
N LEU A 271 -11.82 31.58 21.25
CA LEU A 271 -12.16 31.57 22.66
C LEU A 271 -11.24 32.51 23.43
N THR A 272 -11.72 32.96 24.60
CA THR A 272 -10.96 33.81 25.51
C THR A 272 -11.19 33.26 26.91
N LEU A 273 -10.21 32.52 27.43
CA LEU A 273 -10.36 31.82 28.69
C LEU A 273 -9.57 32.52 29.80
N ARG A 274 -10.22 32.69 30.95
CA ARG A 274 -9.58 33.25 32.12
C ARG A 274 -9.79 32.29 33.28
N TRP A 275 -8.84 32.30 34.23
CA TRP A 275 -8.88 31.37 35.35
C TRP A 275 -10.16 31.55 36.15
N GLU A 276 -10.58 30.46 36.80
CA GLU A 276 -11.81 30.42 37.58
C GLU A 276 -13.03 30.62 36.70
N ILE B 3 20.69 13.68 10.19
CA ILE B 3 21.71 12.77 10.73
C ILE B 3 21.08 11.86 11.77
N GLN B 4 21.14 12.29 13.04
CA GLN B 4 20.64 11.50 14.16
C GLN B 4 19.83 12.42 15.06
N ARG B 5 18.52 12.22 15.09
CA ARG B 5 17.60 13.05 15.85
C ARG B 5 17.08 12.28 17.05
N THR B 6 17.19 12.87 18.23
CA THR B 6 16.68 12.23 19.43
C THR B 6 15.16 12.35 19.50
N PRO B 7 14.47 11.33 19.98
CA PRO B 7 13.00 11.40 20.05
C PRO B 7 12.52 12.31 21.17
N LYS B 8 11.32 12.85 20.99
CA LYS B 8 10.59 13.55 22.04
C LYS B 8 9.44 12.67 22.50
N ILE B 9 9.43 12.35 23.79
CA ILE B 9 8.45 11.43 24.35
C ILE B 9 7.35 12.22 25.03
N GLN B 10 6.11 11.72 24.90
CA GLN B 10 4.95 12.34 25.52
C GLN B 10 4.05 11.23 26.03
N VAL B 11 3.85 11.18 27.34
CA VAL B 11 3.04 10.14 27.98
C VAL B 11 1.77 10.78 28.49
N TYR B 12 0.63 10.25 28.09
CA TYR B 12 -0.66 10.85 28.41
C TYR B 12 -1.75 9.79 28.27
N SER B 13 -2.96 10.17 28.67
CA SER B 13 -4.13 9.31 28.55
C SER B 13 -5.07 9.89 27.49
N ARG B 14 -5.81 8.99 26.83
CA ARG B 14 -6.73 9.42 25.78
C ARG B 14 -7.82 10.33 26.34
N HIS B 15 -8.37 9.99 27.49
CA HIS B 15 -9.37 10.78 28.18
C HIS B 15 -8.83 11.28 29.51
N PRO B 16 -9.38 12.37 30.04
CA PRO B 16 -8.99 12.81 31.40
C PRO B 16 -9.16 11.69 32.40
N ALA B 17 -8.07 11.38 33.11
CA ALA B 17 -8.01 10.18 33.92
C ALA B 17 -8.98 10.25 35.10
N GLU B 18 -9.74 9.18 35.30
CA GLU B 18 -10.61 9.01 36.46
C GLU B 18 -10.37 7.61 37.01
N ASN B 19 -10.12 7.54 38.32
CA ASN B 19 -9.79 6.26 38.95
C ASN B 19 -10.95 5.28 38.80
N GLY B 20 -10.64 4.06 38.37
CA GLY B 20 -11.63 3.02 38.21
C GLY B 20 -12.35 3.00 36.88
N LYS B 21 -12.07 3.95 35.99
CA LYS B 21 -12.74 4.04 34.70
C LYS B 21 -11.78 3.61 33.60
N SER B 22 -12.28 2.85 32.64
CA SER B 22 -11.44 2.37 31.55
C SER B 22 -10.91 3.53 30.73
N ASN B 23 -9.68 3.38 30.26
CA ASN B 23 -9.01 4.45 29.51
C ASN B 23 -7.89 3.82 28.69
N PHE B 24 -7.16 4.67 27.97
CA PHE B 24 -5.99 4.26 27.20
C PHE B 24 -4.80 5.08 27.62
N LEU B 25 -3.64 4.44 27.69
CA LEU B 25 -2.39 5.11 28.01
C LEU B 25 -1.57 5.26 26.73
N ASN B 26 -1.21 6.49 26.39
CA ASN B 26 -0.53 6.80 25.15
C ASN B 26 0.91 7.22 25.43
N CYS B 27 1.83 6.71 24.62
CA CYS B 27 3.22 7.17 24.61
C CYS B 27 3.54 7.64 23.20
N TYR B 28 3.57 8.96 23.00
CA TYR B 28 3.82 9.56 21.70
C TYR B 28 5.30 9.89 21.59
N VAL B 29 6.00 9.21 20.69
CA VAL B 29 7.41 9.45 20.41
C VAL B 29 7.53 10.03 19.01
N SER B 30 8.24 11.14 18.88
CA SER B 30 8.29 11.87 17.63
C SER B 30 9.62 12.58 17.50
N GLY B 31 9.94 12.99 16.28
CA GLY B 31 11.12 13.79 16.03
C GLY B 31 12.43 13.05 16.06
N PHE B 32 12.44 11.77 15.68
CA PHE B 32 13.64 10.95 15.73
C PHE B 32 14.01 10.45 14.34
N HIS B 33 15.31 10.17 14.17
CA HIS B 33 15.87 9.60 12.97
C HIS B 33 17.16 8.95 13.43
N PRO B 34 17.44 7.70 13.01
CA PRO B 34 16.67 6.83 12.11
C PRO B 34 15.41 6.25 12.73
N SER B 35 14.68 5.42 11.97
CA SER B 35 13.37 4.94 12.39
C SER B 35 13.42 3.78 13.37
N ASP B 36 14.59 3.19 13.61
CA ASP B 36 14.68 2.11 14.58
C ASP B 36 14.49 2.67 15.98
N ILE B 37 13.62 2.04 16.77
CA ILE B 37 13.31 2.51 18.11
C ILE B 37 12.58 1.39 18.86
N GLU B 38 12.77 1.36 20.17
CA GLU B 38 12.05 0.44 21.05
C GLU B 38 11.31 1.27 22.08
N VAL B 39 10.02 0.95 22.27
CA VAL B 39 9.16 1.69 23.19
C VAL B 39 8.41 0.68 24.06
N ASP B 40 8.50 0.86 25.37
CA ASP B 40 7.82 0.00 26.33
C ASP B 40 6.92 0.83 27.23
N LEU B 41 5.71 0.34 27.47
CA LEU B 41 4.81 0.92 28.46
C LEU B 41 4.91 0.10 29.73
N LEU B 42 5.15 0.77 30.86
CA LEU B 42 5.45 0.11 32.12
C LEU B 42 4.33 0.36 33.11
N LYS B 43 4.02 -0.67 33.91
CA LYS B 43 3.10 -0.56 35.03
C LYS B 43 3.86 -0.90 36.30
N ASN B 44 3.98 0.08 37.20
CA ASN B 44 4.76 -0.07 38.43
C ASN B 44 6.19 -0.50 38.13
N GLY B 45 6.74 0.01 37.03
CA GLY B 45 8.08 -0.33 36.61
C GLY B 45 8.20 -1.62 35.84
N GLU B 46 7.10 -2.32 35.58
CA GLU B 46 7.12 -3.59 34.88
C GLU B 46 6.44 -3.46 33.53
N ARG B 47 7.04 -4.07 32.51
CA ARG B 47 6.57 -3.92 31.14
C ARG B 47 5.16 -4.47 30.98
N ILE B 48 4.36 -3.78 30.17
CA ILE B 48 3.02 -4.21 29.80
C ILE B 48 3.11 -5.02 28.51
N GLU B 49 2.46 -6.19 28.51
CA GLU B 49 2.64 -7.13 27.40
C GLU B 49 1.72 -6.87 26.23
N LYS B 50 0.53 -6.30 26.46
CA LYS B 50 -0.44 -6.08 25.39
C LYS B 50 -0.41 -4.60 24.99
N VAL B 51 0.54 -4.27 24.13
CA VAL B 51 0.76 -2.90 23.67
C VAL B 51 0.70 -2.88 22.16
N GLU B 52 -0.15 -2.03 21.60
CA GLU B 52 -0.23 -1.81 20.17
C GLU B 52 0.35 -0.45 19.80
N HIS B 53 0.79 -0.33 18.55
CA HIS B 53 1.36 0.92 18.06
C HIS B 53 0.85 1.18 16.65
N SER B 54 0.94 2.46 16.26
CA SER B 54 0.52 2.90 14.94
C SER B 54 1.57 2.56 13.89
N ASP B 55 1.29 2.94 12.65
CA ASP B 55 2.22 2.71 11.55
C ASP B 55 3.21 3.85 11.44
N LEU B 56 4.45 3.50 11.09
CA LEU B 56 5.54 4.47 11.06
C LEU B 56 5.30 5.49 9.95
N SER B 57 5.32 6.77 10.31
CA SER B 57 5.20 7.87 9.36
C SER B 57 6.17 8.96 9.76
N PHE B 58 6.31 9.97 8.90
CA PHE B 58 7.26 11.04 9.15
C PHE B 58 6.61 12.39 8.87
N SER B 59 7.22 13.43 9.43
CA SER B 59 6.73 14.79 9.31
C SER B 59 7.39 15.48 8.12
N LYS B 60 7.23 16.81 8.03
CA LYS B 60 7.78 17.56 6.91
C LYS B 60 9.30 17.50 6.89
N ASP B 61 9.95 17.59 8.04
CA ASP B 61 11.40 17.55 8.14
C ASP B 61 11.96 16.13 8.21
N TRP B 62 11.19 15.15 7.75
CA TRP B 62 11.59 13.75 7.60
C TRP B 62 11.80 13.04 8.93
N SER B 63 11.45 13.66 10.05
CA SER B 63 11.54 13.01 11.35
C SER B 63 10.35 12.09 11.55
N PHE B 64 10.60 10.92 12.14
CA PHE B 64 9.57 9.93 12.34
C PHE B 64 8.78 10.19 13.61
N TYR B 65 7.59 9.60 13.68
CA TYR B 65 6.78 9.65 14.89
C TYR B 65 5.97 8.36 14.99
N LEU B 66 5.68 7.97 16.23
CA LEU B 66 4.90 6.78 16.50
C LEU B 66 4.07 6.99 17.76
N LEU B 67 2.94 6.30 17.84
CA LEU B 67 2.09 6.29 19.02
C LEU B 67 1.96 4.87 19.53
N TYR B 68 2.22 4.68 20.82
CA TYR B 68 2.05 3.40 21.50
C TYR B 68 0.92 3.54 22.51
N TYR B 69 -0.07 2.65 22.43
CA TYR B 69 -1.25 2.74 23.28
C TYR B 69 -1.58 1.36 23.83
N THR B 70 -2.27 1.35 24.97
CA THR B 70 -2.73 0.13 25.60
C THR B 70 -3.90 0.44 26.51
N GLU B 71 -4.79 -0.54 26.69
CA GLU B 71 -5.91 -0.37 27.61
C GLU B 71 -5.42 -0.43 29.05
N PHE B 72 -5.85 0.54 29.86
CA PHE B 72 -5.46 0.57 31.25
C PHE B 72 -6.54 1.29 32.05
N THR B 73 -6.67 0.90 33.32
CA THR B 73 -7.61 1.55 34.22
C THR B 73 -6.82 2.34 35.27
N PRO B 74 -6.91 3.66 35.28
CA PRO B 74 -6.12 4.45 36.23
C PRO B 74 -6.45 4.10 37.68
N THR B 75 -5.42 4.10 38.51
CA THR B 75 -5.55 3.91 39.94
C THR B 75 -4.44 4.71 40.62
N GLU B 76 -4.72 5.19 41.83
CA GLU B 76 -3.74 5.99 42.56
C GLU B 76 -2.50 5.17 42.88
N LYS B 77 -2.67 3.90 43.24
CA LYS B 77 -1.53 3.07 43.62
C LYS B 77 -0.63 2.77 42.43
N ASP B 78 -1.21 2.44 41.28
CA ASP B 78 -0.43 2.04 40.12
C ASP B 78 0.34 3.22 39.54
N GLU B 79 1.57 2.95 39.11
CA GLU B 79 2.44 3.95 38.49
C GLU B 79 2.71 3.52 37.06
N TYR B 80 2.55 4.45 36.12
CA TYR B 80 2.71 4.16 34.70
C TYR B 80 3.81 5.04 34.11
N ALA B 81 4.55 4.48 33.15
CA ALA B 81 5.66 5.17 32.53
C ALA B 81 5.88 4.62 31.14
N CYS B 82 6.75 5.29 30.40
CA CYS B 82 7.14 4.86 29.06
C CYS B 82 8.65 4.81 28.97
N ARG B 83 9.18 3.68 28.50
CA ARG B 83 10.62 3.49 28.37
C ARG B 83 10.97 3.44 26.89
N VAL B 84 11.84 4.35 26.45
CA VAL B 84 12.19 4.49 25.04
C VAL B 84 13.71 4.41 24.91
N ASN B 85 14.18 3.61 23.96
CA ASN B 85 15.59 3.50 23.66
C ASN B 85 15.83 3.78 22.19
N HIS B 86 16.76 4.69 21.90
CA HIS B 86 17.12 5.06 20.54
C HIS B 86 18.63 4.99 20.42
N VAL B 87 19.11 4.97 19.17
CA VAL B 87 20.55 4.96 18.94
C VAL B 87 21.18 6.25 19.46
N THR B 88 20.42 7.34 19.49
CA THR B 88 20.90 8.61 20.02
C THR B 88 20.89 8.66 21.53
N LEU B 89 20.29 7.68 22.20
CA LEU B 89 20.21 7.63 23.65
C LEU B 89 21.26 6.66 24.20
N SER B 90 22.06 7.14 25.14
CA SER B 90 23.07 6.28 25.76
C SER B 90 22.41 5.17 26.57
N GLN B 91 21.40 5.51 27.35
CA GLN B 91 20.63 4.58 28.16
C GLN B 91 19.16 4.85 27.94
N PRO B 92 18.29 3.86 28.18
CA PRO B 92 16.86 4.07 27.96
C PRO B 92 16.33 5.21 28.82
N LYS B 93 15.43 6.00 28.24
CA LYS B 93 14.83 7.14 28.91
C LYS B 93 13.42 6.79 29.33
N ILE B 94 13.11 7.03 30.61
CA ILE B 94 11.82 6.71 31.20
C ILE B 94 11.09 8.02 31.47
N VAL B 95 9.88 8.14 30.94
CA VAL B 95 9.04 9.32 31.14
C VAL B 95 7.80 8.88 31.89
N LYS B 96 7.65 9.34 33.13
CA LYS B 96 6.52 8.97 33.95
C LYS B 96 5.25 9.66 33.49
N TRP B 97 4.12 8.99 33.67
CA TRP B 97 2.83 9.55 33.31
C TRP B 97 2.34 10.47 34.43
N ASP B 98 1.98 11.69 34.07
CA ASP B 98 1.46 12.66 35.02
C ASP B 98 0.02 12.99 34.64
N ARG B 99 -0.88 12.95 35.63
CA ARG B 99 -2.29 13.20 35.36
C ARG B 99 -2.54 14.63 34.89
N ASP B 100 -1.74 15.59 35.37
CA ASP B 100 -1.92 16.99 35.05
C ASP B 100 -0.95 17.49 33.99
N MET B 101 -0.45 16.58 33.15
CA MET B 101 0.51 16.93 32.11
C MET B 101 0.47 15.92 30.98
N VAL C 1 -5.42 6.60 -4.42
CA VAL C 1 -4.64 5.46 -4.92
C VAL C 1 -3.18 5.85 -5.06
N VAL C 2 -2.30 4.85 -5.06
CA VAL C 2 -0.88 5.09 -5.23
C VAL C 2 -0.57 5.14 -6.73
N VAL C 3 0.63 5.62 -7.05
CA VAL C 3 1.04 5.75 -8.44
C VAL C 3 1.17 4.38 -9.07
N GLY C 4 0.52 4.20 -10.22
CA GLY C 4 0.65 2.99 -11.00
C GLY C 4 1.69 3.02 -12.08
N ALA C 5 2.23 4.21 -12.39
CA ALA C 5 3.22 4.36 -13.44
C ALA C 5 4.60 3.97 -12.93
N CYS C 6 5.40 3.37 -13.81
CA CYS C 6 6.76 2.98 -13.45
C CYS C 6 7.74 4.10 -13.75
N GLY C 7 8.75 4.23 -12.89
CA GLY C 7 9.78 5.23 -13.07
C GLY C 7 11.13 4.58 -13.31
N VAL C 8 12.04 5.38 -13.88
CA VAL C 8 13.38 4.87 -14.19
C VAL C 8 14.13 4.53 -12.90
N GLY C 9 13.90 5.29 -11.84
CA GLY C 9 14.59 5.07 -10.59
C GLY C 9 15.76 6.02 -10.40
N LYS C 10 16.11 6.28 -9.15
CA LYS C 10 17.20 7.21 -8.85
C LYS C 10 18.54 6.66 -9.33
N ASP D 1 10.40 -9.73 -14.35
CA ASP D 1 9.85 -10.99 -14.81
C ASP D 1 9.89 -12.06 -13.72
N ILE D 2 8.72 -12.59 -13.39
CA ILE D 2 8.59 -13.67 -12.41
C ILE D 2 8.48 -14.98 -13.18
N VAL D 3 9.35 -15.93 -12.85
CA VAL D 3 9.38 -17.23 -13.53
C VAL D 3 8.78 -18.27 -12.59
N MET D 4 7.77 -18.99 -13.09
CA MET D 4 7.10 -20.03 -12.32
C MET D 4 7.61 -21.38 -12.80
N THR D 5 8.37 -22.07 -11.95
CA THR D 5 8.90 -23.39 -12.27
C THR D 5 8.02 -24.45 -11.63
N GLN D 6 7.46 -25.33 -12.45
CA GLN D 6 6.51 -26.34 -12.01
C GLN D 6 7.17 -27.71 -12.09
N SER D 7 7.13 -28.46 -11.00
CA SER D 7 7.75 -29.76 -10.92
C SER D 7 6.79 -30.74 -10.26
N PRO D 8 6.77 -32.00 -10.72
CA PRO D 8 7.50 -32.55 -11.87
C PRO D 8 6.80 -32.21 -13.18
N ALA D 9 7.30 -32.72 -14.31
CA ALA D 9 6.65 -32.47 -15.60
C ALA D 9 5.55 -33.47 -15.90
N THR D 10 5.63 -34.68 -15.35
CA THR D 10 4.63 -35.71 -15.57
C THR D 10 4.47 -36.53 -14.30
N LEU D 11 3.23 -36.84 -13.95
CA LEU D 11 2.92 -37.70 -12.80
C LEU D 11 2.20 -38.95 -13.31
N SER D 12 2.90 -40.08 -13.26
CA SER D 12 2.33 -41.36 -13.69
C SER D 12 1.77 -42.05 -12.44
N LEU D 13 0.48 -41.92 -12.23
CA LEU D 13 -0.17 -42.41 -11.01
C LEU D 13 -1.43 -43.19 -11.37
N SER D 14 -1.83 -44.05 -10.44
CA SER D 14 -3.05 -44.84 -10.55
C SER D 14 -4.20 -44.15 -9.84
N PRO D 15 -5.43 -44.34 -10.30
CA PRO D 15 -6.57 -43.73 -9.62
C PRO D 15 -6.69 -44.22 -8.18
N GLY D 16 -7.09 -43.30 -7.30
CA GLY D 16 -7.13 -43.58 -5.89
C GLY D 16 -5.85 -43.31 -5.14
N GLU D 17 -4.87 -42.67 -5.78
CA GLU D 17 -3.60 -42.35 -5.16
C GLU D 17 -3.53 -40.88 -4.80
N ARG D 18 -2.44 -40.50 -4.14
CA ARG D 18 -2.19 -39.11 -3.77
C ARG D 18 -1.27 -38.47 -4.80
N ALA D 19 -1.66 -37.28 -5.26
CA ALA D 19 -0.87 -36.50 -6.20
C ALA D 19 -0.37 -35.24 -5.51
N THR D 20 0.94 -35.01 -5.56
CA THR D 20 1.57 -33.83 -5.00
C THR D 20 2.24 -33.06 -6.13
N LEU D 21 1.90 -31.79 -6.27
CA LEU D 21 2.41 -30.94 -7.34
C LEU D 21 3.11 -29.73 -6.74
N SER D 22 4.28 -29.41 -7.27
CA SER D 22 5.11 -28.34 -6.74
C SER D 22 5.26 -27.22 -7.76
N CYS D 23 5.29 -25.99 -7.26
CA CYS D 23 5.51 -24.81 -8.07
C CYS D 23 6.57 -23.93 -7.42
N ARG D 24 7.54 -23.51 -8.20
CA ARG D 24 8.66 -22.70 -7.74
C ARG D 24 8.59 -21.31 -8.37
N ALA D 25 8.59 -20.28 -7.53
CA ALA D 25 8.62 -18.91 -8.00
C ALA D 25 10.02 -18.33 -7.89
N SER D 26 10.40 -17.52 -8.88
CA SER D 26 11.72 -16.91 -8.89
C SER D 26 11.88 -15.85 -7.82
N GLN D 27 10.78 -15.30 -7.31
CA GLN D 27 10.83 -14.32 -6.24
C GLN D 27 9.65 -14.54 -5.30
N SER D 28 9.77 -14.01 -4.09
CA SER D 28 8.69 -14.14 -3.12
C SER D 28 7.44 -13.43 -3.61
N LEU D 29 6.30 -14.10 -3.48
CA LEU D 29 5.02 -13.58 -3.94
C LEU D 29 4.07 -13.46 -2.75
N SER D 30 3.17 -12.50 -2.82
CA SER D 30 2.03 -12.48 -1.92
C SER D 30 1.16 -13.69 -2.21
N SER D 31 0.78 -14.43 -1.15
CA SER D 31 0.06 -15.68 -1.35
C SER D 31 -1.27 -15.47 -2.05
N SER D 32 -1.87 -14.29 -1.91
CA SER D 32 -3.16 -14.03 -2.53
C SER D 32 -3.09 -13.99 -4.05
N PHE D 33 -1.88 -13.93 -4.62
CA PHE D 33 -1.69 -13.78 -6.05
C PHE D 33 -1.17 -15.05 -6.71
N LEU D 34 -1.43 -16.21 -6.11
CA LEU D 34 -1.04 -17.49 -6.69
C LEU D 34 -2.26 -18.39 -6.82
N ALA D 35 -2.37 -19.04 -7.97
CA ALA D 35 -3.53 -19.86 -8.29
C ALA D 35 -3.10 -21.14 -8.98
N TRP D 36 -4.01 -22.12 -8.98
CA TRP D 36 -3.82 -23.38 -9.69
C TRP D 36 -4.97 -23.58 -10.67
N TYR D 37 -4.66 -24.15 -11.83
CA TYR D 37 -5.64 -24.38 -12.88
C TYR D 37 -5.57 -25.84 -13.32
N GLN D 38 -6.70 -26.31 -13.85
CA GLN D 38 -6.81 -27.64 -14.44
C GLN D 38 -7.35 -27.49 -15.86
N GLN D 39 -6.70 -28.15 -16.82
CA GLN D 39 -7.12 -28.08 -18.21
C GLN D 39 -7.33 -29.48 -18.75
N LYS D 40 -8.55 -29.74 -19.23
CA LYS D 40 -8.84 -30.98 -19.96
C LYS D 40 -8.34 -30.84 -21.40
N PRO D 41 -8.07 -31.97 -22.07
CA PRO D 41 -7.37 -31.91 -23.36
C PRO D 41 -8.13 -31.20 -24.48
N GLY D 42 -9.32 -30.65 -24.23
CA GLY D 42 -10.06 -30.02 -25.30
C GLY D 42 -10.73 -28.71 -24.99
N GLN D 43 -10.52 -28.16 -23.79
CA GLN D 43 -11.27 -26.99 -23.35
C GLN D 43 -10.33 -26.03 -22.62
N ALA D 44 -10.91 -24.93 -22.15
CA ALA D 44 -10.19 -23.88 -21.46
C ALA D 44 -9.80 -24.30 -20.06
N PRO D 45 -8.77 -23.68 -19.48
CA PRO D 45 -8.38 -24.03 -18.11
C PRO D 45 -9.47 -23.69 -17.11
N ARG D 46 -9.51 -24.47 -16.03
CA ARG D 46 -10.48 -24.31 -14.96
C ARG D 46 -9.75 -24.03 -13.65
N LEU D 47 -10.15 -22.96 -12.98
CA LEU D 47 -9.51 -22.58 -11.72
C LEU D 47 -9.89 -23.56 -10.62
N LEU D 48 -8.89 -24.04 -9.90
CA LEU D 48 -9.09 -24.91 -8.75
C LEU D 48 -8.84 -24.20 -7.42
N ILE D 49 -7.67 -23.58 -7.27
CA ILE D 49 -7.26 -22.92 -6.05
C ILE D 49 -6.88 -21.49 -6.37
N TYR D 50 -7.33 -20.54 -5.54
CA TYR D 50 -6.89 -19.17 -5.62
C TYR D 50 -6.40 -18.74 -4.24
N GLY D 51 -5.57 -17.70 -4.22
CA GLY D 51 -4.96 -17.27 -2.97
C GLY D 51 -4.05 -18.31 -2.36
N ALA D 52 -3.64 -19.29 -3.15
CA ALA D 52 -2.68 -20.34 -2.80
C ALA D 52 -3.26 -21.37 -1.84
N SER D 53 -4.45 -21.12 -1.28
CA SER D 53 -5.08 -22.10 -0.40
C SER D 53 -6.59 -22.19 -0.52
N SER D 54 -7.24 -21.34 -1.31
CA SER D 54 -8.69 -21.23 -1.31
C SER D 54 -9.28 -21.96 -2.51
N ARG D 55 -10.12 -22.95 -2.24
CA ARG D 55 -10.82 -23.66 -3.30
C ARG D 55 -11.83 -22.74 -3.99
N ALA D 56 -11.97 -22.90 -5.30
CA ALA D 56 -12.97 -22.15 -6.04
C ALA D 56 -14.36 -22.73 -5.77
N THR D 57 -15.37 -22.10 -6.38
CA THR D 57 -16.74 -22.53 -6.19
C THR D 57 -16.96 -23.90 -6.85
N GLY D 58 -17.55 -24.82 -6.10
CA GLY D 58 -17.84 -26.14 -6.61
C GLY D 58 -16.61 -26.98 -6.93
N ILE D 59 -15.57 -26.88 -6.12
CA ILE D 59 -14.35 -27.66 -6.29
C ILE D 59 -14.33 -28.73 -5.21
N PRO D 60 -14.07 -30.00 -5.55
CA PRO D 60 -14.08 -31.06 -4.54
C PRO D 60 -13.02 -30.82 -3.47
N ASP D 61 -13.28 -31.37 -2.28
CA ASP D 61 -12.39 -31.18 -1.14
C ASP D 61 -11.06 -31.91 -1.30
N ARG D 62 -10.93 -32.81 -2.28
CA ARG D 62 -9.66 -33.51 -2.46
C ARG D 62 -8.55 -32.57 -2.93
N PHE D 63 -8.91 -31.53 -3.70
CA PHE D 63 -7.93 -30.52 -4.09
C PHE D 63 -7.67 -29.58 -2.93
N SER D 64 -6.39 -29.41 -2.59
CA SER D 64 -5.99 -28.50 -1.52
C SER D 64 -4.66 -27.86 -1.91
N GLY D 65 -4.54 -26.57 -1.61
CA GLY D 65 -3.35 -25.80 -1.93
C GLY D 65 -2.64 -25.34 -0.67
N SER D 66 -1.32 -25.32 -0.72
CA SER D 66 -0.52 -24.88 0.42
C SER D 66 0.76 -24.23 -0.10
N GLY D 67 1.49 -23.60 0.80
CA GLY D 67 2.75 -22.96 0.49
C GLY D 67 2.74 -21.48 0.80
N SER D 68 3.94 -20.91 0.75
CA SER D 68 4.13 -19.49 1.01
C SER D 68 5.45 -19.05 0.40
N GLY D 69 5.56 -17.75 0.15
CA GLY D 69 6.80 -17.20 -0.38
C GLY D 69 7.09 -17.62 -1.79
N THR D 70 8.09 -18.49 -1.96
CA THR D 70 8.49 -18.99 -3.27
C THR D 70 8.11 -20.44 -3.50
N ASP D 71 7.65 -21.16 -2.48
CA ASP D 71 7.33 -22.58 -2.59
C ASP D 71 5.83 -22.76 -2.42
N PHE D 72 5.20 -23.42 -3.39
CA PHE D 72 3.77 -23.68 -3.33
C PHE D 72 3.50 -25.11 -3.78
N THR D 73 2.42 -25.68 -3.25
CA THR D 73 2.09 -27.08 -3.46
C THR D 73 0.61 -27.25 -3.73
N LEU D 74 0.28 -28.15 -4.66
CA LEU D 74 -1.10 -28.56 -4.90
C LEU D 74 -1.20 -30.05 -4.61
N THR D 75 -2.17 -30.43 -3.79
CA THR D 75 -2.36 -31.82 -3.38
C THR D 75 -3.75 -32.31 -3.77
N ILE D 76 -3.79 -33.50 -4.36
CA ILE D 76 -5.03 -34.22 -4.62
C ILE D 76 -4.96 -35.49 -3.80
N SER D 77 -5.70 -35.53 -2.69
CA SER D 77 -5.58 -36.65 -1.75
C SER D 77 -6.01 -37.95 -2.39
N ARG D 78 -7.11 -37.94 -3.14
CA ARG D 78 -7.63 -39.14 -3.81
C ARG D 78 -7.83 -38.81 -5.28
N LEU D 79 -7.09 -39.49 -6.15
CA LEU D 79 -7.16 -39.25 -7.58
C LEU D 79 -8.39 -39.95 -8.15
N GLU D 80 -9.34 -39.17 -8.64
CA GLU D 80 -10.47 -39.69 -9.37
C GLU D 80 -10.10 -39.87 -10.83
N PRO D 81 -10.84 -40.71 -11.57
CA PRO D 81 -10.53 -40.88 -12.99
C PRO D 81 -10.63 -39.60 -13.80
N GLU D 82 -11.42 -38.63 -13.35
CA GLU D 82 -11.55 -37.34 -14.03
C GLU D 82 -10.45 -36.36 -13.66
N ASP D 83 -9.63 -36.66 -12.66
CA ASP D 83 -8.58 -35.76 -12.24
C ASP D 83 -7.34 -35.83 -13.12
N PHE D 84 -7.24 -36.84 -13.97
CA PHE D 84 -6.06 -37.03 -14.81
C PHE D 84 -6.08 -36.01 -15.93
N ALA D 85 -5.34 -34.92 -15.74
CA ALA D 85 -5.34 -33.79 -16.66
C ALA D 85 -4.00 -33.07 -16.50
N VAL D 86 -3.92 -31.84 -17.02
CA VAL D 86 -2.73 -31.01 -16.91
C VAL D 86 -3.04 -29.87 -15.95
N TYR D 87 -2.14 -29.64 -15.01
CA TYR D 87 -2.33 -28.64 -13.96
C TYR D 87 -1.27 -27.56 -14.07
N TYR D 88 -1.69 -26.30 -13.94
CA TYR D 88 -0.82 -25.16 -14.05
C TYR D 88 -0.89 -24.32 -12.78
N CYS D 89 0.28 -23.91 -12.29
CA CYS D 89 0.33 -22.86 -11.28
C CYS D 89 0.48 -21.51 -11.96
N GLN D 90 -0.04 -20.48 -11.30
CA GLN D 90 -0.12 -19.17 -11.91
C GLN D 90 0.08 -18.09 -10.86
N GLN D 91 0.84 -17.06 -11.22
CA GLN D 91 1.00 -15.87 -10.40
C GLN D 91 0.36 -14.69 -11.10
N SER D 92 -0.19 -13.77 -10.30
CA SER D 92 -0.85 -12.59 -10.85
C SER D 92 -0.41 -11.32 -10.14
N GLU D 93 0.75 -11.36 -9.46
CA GLU D 93 1.29 -10.16 -8.83
C GLU D 93 1.79 -9.17 -9.86
N SER D 94 2.56 -9.64 -10.84
CA SER D 94 3.08 -8.81 -11.91
C SER D 94 2.75 -9.49 -13.24
N ALA D 95 1.78 -8.93 -13.95
CA ALA D 95 1.25 -9.52 -15.19
C ALA D 95 0.74 -10.92 -14.85
N LEU D 96 0.90 -11.90 -15.73
CA LEU D 96 0.52 -13.27 -15.44
C LEU D 96 1.65 -14.18 -15.91
N THR D 97 1.97 -15.18 -15.11
CA THR D 97 2.94 -16.19 -15.50
C THR D 97 2.40 -17.56 -15.13
N PHE D 98 2.28 -18.44 -16.12
CA PHE D 98 1.87 -19.82 -15.90
C PHE D 98 3.10 -20.71 -15.82
N GLY D 99 2.98 -21.77 -15.02
CA GLY D 99 4.03 -22.77 -14.97
C GLY D 99 4.04 -23.60 -16.24
N GLY D 100 5.06 -24.45 -16.34
CA GLY D 100 5.16 -25.31 -17.50
C GLY D 100 4.00 -26.27 -17.62
N GLY D 101 3.40 -26.65 -16.50
CA GLY D 101 2.29 -27.58 -16.50
C GLY D 101 2.71 -28.99 -16.17
N THR D 102 2.04 -29.61 -15.19
CA THR D 102 2.30 -30.99 -14.81
C THR D 102 1.15 -31.84 -15.34
N LYS D 103 1.49 -32.87 -16.10
CA LYS D 103 0.50 -33.79 -16.65
C LYS D 103 0.34 -34.99 -15.75
N VAL D 104 -0.88 -35.22 -15.26
CA VAL D 104 -1.21 -36.39 -14.46
C VAL D 104 -1.83 -37.42 -15.38
N GLU D 105 -1.20 -38.59 -15.45
CA GLU D 105 -1.62 -39.66 -16.35
C GLU D 105 -1.77 -40.96 -15.58
N ILE D 106 -2.29 -41.97 -16.25
CA ILE D 106 -2.52 -43.28 -15.64
C ILE D 106 -1.23 -44.08 -15.71
N LYS D 107 -0.84 -44.66 -14.58
CA LYS D 107 0.36 -45.48 -14.50
C LYS D 107 0.19 -46.77 -15.31
N GLU E 1 -25.56 -14.95 -16.81
CA GLU E 1 -24.39 -15.79 -17.00
C GLU E 1 -23.19 -14.97 -17.47
N VAL E 2 -22.09 -15.05 -16.73
CA VAL E 2 -20.86 -14.37 -17.11
C VAL E 2 -20.24 -15.12 -18.29
N GLN E 3 -20.01 -14.41 -19.39
CA GLN E 3 -19.59 -15.04 -20.64
C GLN E 3 -18.62 -14.16 -21.38
N LEU E 4 -17.65 -14.79 -22.05
CA LEU E 4 -16.71 -14.11 -22.92
C LEU E 4 -16.72 -14.80 -24.28
N LEU E 5 -16.85 -14.00 -25.35
CA LEU E 5 -17.00 -14.53 -26.70
C LEU E 5 -15.91 -13.96 -27.59
N GLU E 6 -15.16 -14.84 -28.25
CA GLU E 6 -14.05 -14.47 -29.11
C GLU E 6 -14.48 -14.51 -30.56
N SER E 7 -13.87 -13.63 -31.37
CA SER E 7 -14.07 -13.63 -32.81
C SER E 7 -12.85 -13.01 -33.47
N GLY E 8 -12.83 -13.06 -34.80
CA GLY E 8 -11.77 -12.45 -35.56
C GLY E 8 -10.55 -13.30 -35.81
N GLY E 9 -10.53 -14.52 -35.29
CA GLY E 9 -9.41 -15.43 -35.50
C GLY E 9 -9.51 -16.11 -36.85
N GLY E 10 -8.40 -16.69 -37.28
CA GLY E 10 -8.39 -17.41 -38.54
C GLY E 10 -6.98 -17.63 -39.03
N VAL E 11 -6.88 -18.11 -40.26
CA VAL E 11 -5.60 -18.32 -40.93
C VAL E 11 -5.09 -17.00 -41.47
N VAL E 12 -3.81 -16.73 -41.26
CA VAL E 12 -3.19 -15.48 -41.69
C VAL E 12 -1.83 -15.78 -42.31
N GLN E 13 -1.48 -15.03 -43.35
CA GLN E 13 -0.18 -15.17 -43.97
C GLN E 13 0.91 -14.63 -43.05
N PRO E 14 2.11 -15.21 -43.10
CA PRO E 14 3.20 -14.72 -42.24
C PRO E 14 3.60 -13.30 -42.62
N GLY E 15 3.57 -12.41 -41.63
CA GLY E 15 3.88 -11.01 -41.84
C GLY E 15 2.67 -10.10 -41.90
N ARG E 16 1.48 -10.66 -42.06
CA ARG E 16 0.27 -9.88 -42.13
C ARG E 16 -0.26 -9.56 -40.73
N SER E 17 -1.36 -8.82 -40.68
CA SER E 17 -1.95 -8.37 -39.43
C SER E 17 -3.32 -9.01 -39.25
N LEU E 18 -3.79 -8.98 -38.01
CA LEU E 18 -5.07 -9.58 -37.65
C LEU E 18 -5.50 -9.02 -36.30
N ARG E 19 -6.83 -8.91 -36.12
CA ARG E 19 -7.39 -8.36 -34.89
C ARG E 19 -8.35 -9.36 -34.28
N LEU E 20 -8.28 -9.51 -32.96
CA LEU E 20 -9.18 -10.36 -32.20
C LEU E 20 -10.08 -9.51 -31.32
N SER E 21 -11.26 -10.03 -31.01
CA SER E 21 -12.24 -9.33 -30.21
C SER E 21 -12.80 -10.25 -29.14
N CYS E 22 -13.11 -9.68 -27.99
CA CYS E 22 -13.82 -10.36 -26.91
C CYS E 22 -15.05 -9.57 -26.51
N ALA E 23 -16.22 -10.20 -26.62
CA ALA E 23 -17.48 -9.61 -26.17
C ALA E 23 -17.77 -10.13 -24.77
N ALA E 24 -17.95 -9.19 -23.84
CA ALA E 24 -18.15 -9.51 -22.43
C ALA E 24 -19.62 -9.38 -22.08
N SER E 25 -20.12 -10.32 -21.29
CA SER E 25 -21.51 -10.33 -20.84
C SER E 25 -21.60 -10.86 -19.42
N GLY E 26 -22.61 -10.40 -18.70
CA GLY E 26 -22.91 -10.92 -17.38
C GLY E 26 -22.12 -10.32 -16.23
N PHE E 27 -21.17 -9.43 -16.51
CA PHE E 27 -20.38 -8.82 -15.45
C PHE E 27 -19.98 -7.42 -15.88
N THR E 28 -19.61 -6.60 -14.89
CA THR E 28 -19.22 -5.21 -15.14
C THR E 28 -17.82 -5.23 -15.75
N PHE E 29 -17.78 -5.26 -17.08
CA PHE E 29 -16.52 -5.39 -17.80
C PHE E 29 -15.60 -4.19 -17.54
N SER E 30 -16.20 -3.00 -17.35
CA SER E 30 -15.39 -1.78 -17.26
C SER E 30 -14.66 -1.69 -15.93
N SER E 31 -15.03 -2.52 -14.95
CA SER E 31 -14.47 -2.37 -13.61
C SER E 31 -13.13 -3.09 -13.48
N TYR E 32 -12.86 -4.06 -14.35
CA TYR E 32 -11.76 -4.98 -14.16
C TYR E 32 -10.79 -4.94 -15.32
N GLY E 33 -9.53 -5.25 -15.03
CA GLY E 33 -8.54 -5.42 -16.08
C GLY E 33 -8.68 -6.77 -16.75
N MET E 34 -8.25 -6.82 -18.02
CA MET E 34 -8.45 -7.99 -18.86
C MET E 34 -7.13 -8.45 -19.45
N HIS E 35 -7.02 -9.75 -19.67
CA HIS E 35 -5.80 -10.37 -20.18
C HIS E 35 -6.07 -11.06 -21.51
N TRP E 36 -4.99 -11.28 -22.24
CA TRP E 36 -4.98 -12.17 -23.39
C TRP E 36 -3.97 -13.28 -23.11
N VAL E 37 -4.40 -14.53 -23.31
CA VAL E 37 -3.56 -15.70 -23.06
C VAL E 37 -3.66 -16.60 -24.29
N ARG E 38 -2.52 -17.12 -24.74
CA ARG E 38 -2.45 -17.97 -25.91
C ARG E 38 -1.83 -19.31 -25.55
N GLN E 39 -2.21 -20.35 -26.28
CA GLN E 39 -1.71 -21.69 -26.06
C GLN E 39 -1.48 -22.36 -27.41
N ALA E 40 -0.22 -22.59 -27.76
CA ALA E 40 0.11 -23.35 -28.95
C ALA E 40 -0.31 -24.80 -28.75
N PRO E 41 -0.72 -25.48 -29.82
CA PRO E 41 -1.20 -26.87 -29.68
C PRO E 41 -0.14 -27.77 -29.06
N GLY E 42 -0.54 -28.51 -28.02
CA GLY E 42 0.38 -29.37 -27.31
C GLY E 42 1.34 -28.66 -26.39
N LYS E 43 1.08 -27.40 -26.06
CA LYS E 43 1.99 -26.61 -25.25
C LYS E 43 1.24 -25.98 -24.09
N GLY E 44 1.99 -25.30 -23.22
CA GLY E 44 1.39 -24.69 -22.05
C GLY E 44 0.80 -23.33 -22.35
N LEU E 45 0.17 -22.75 -21.32
CA LEU E 45 -0.44 -21.44 -21.45
C LEU E 45 0.63 -20.35 -21.38
N GLU E 46 0.46 -19.32 -22.19
CA GLU E 46 1.41 -18.21 -22.25
C GLU E 46 0.63 -16.90 -22.22
N TRP E 47 0.86 -16.11 -21.18
CA TRP E 47 0.23 -14.81 -21.08
C TRP E 47 0.78 -13.86 -22.14
N VAL E 48 -0.11 -13.10 -22.76
CA VAL E 48 0.26 -12.23 -23.88
C VAL E 48 0.22 -10.76 -23.48
N ALA E 49 -0.93 -10.28 -23.01
CA ALA E 49 -1.06 -8.85 -22.73
C ALA E 49 -2.11 -8.64 -21.64
N VAL E 50 -2.03 -7.48 -21.00
CA VAL E 50 -3.00 -7.05 -20.01
C VAL E 50 -3.29 -5.57 -20.21
N ILE E 51 -4.55 -5.20 -20.01
CA ILE E 51 -4.97 -3.81 -20.01
C ILE E 51 -5.71 -3.53 -18.72
N SER E 52 -5.47 -2.37 -18.13
CA SER E 52 -6.15 -2.01 -16.89
C SER E 52 -7.60 -1.64 -17.17
N TYR E 53 -8.38 -1.45 -16.10
CA TYR E 53 -9.81 -1.23 -16.25
C TYR E 53 -10.10 0.06 -17.00
N ASP E 54 -9.29 1.10 -16.78
CA ASP E 54 -9.51 2.36 -17.49
C ASP E 54 -8.67 2.45 -18.76
N GLY E 55 -7.84 1.45 -19.05
CA GLY E 55 -7.03 1.45 -20.25
C GLY E 55 -5.73 2.21 -20.16
N SER E 56 -5.39 2.76 -18.99
CA SER E 56 -4.17 3.55 -18.87
C SER E 56 -2.93 2.67 -18.90
N ASN E 57 -2.99 1.50 -18.26
CA ASN E 57 -1.85 0.61 -18.15
C ASN E 57 -1.99 -0.53 -19.13
N LYS E 58 -0.98 -0.71 -19.99
CA LYS E 58 -0.92 -1.82 -20.94
C LYS E 58 0.45 -2.44 -20.87
N TYR E 59 0.50 -3.76 -20.73
CA TYR E 59 1.75 -4.50 -20.67
C TYR E 59 1.67 -5.70 -21.59
N TYR E 60 2.83 -6.11 -22.12
CA TYR E 60 2.90 -7.16 -23.11
C TYR E 60 4.03 -8.13 -22.76
N ALA E 61 3.93 -9.35 -23.28
CA ALA E 61 5.02 -10.29 -23.17
C ALA E 61 6.19 -9.86 -24.05
N ASP E 62 7.38 -10.32 -23.68
CA ASP E 62 8.58 -9.94 -24.43
C ASP E 62 8.53 -10.47 -25.86
N SER E 63 7.86 -11.61 -26.07
CA SER E 63 7.77 -12.18 -27.40
C SER E 63 6.93 -11.32 -28.33
N VAL E 64 5.90 -10.66 -27.79
CA VAL E 64 4.98 -9.88 -28.61
C VAL E 64 5.15 -8.37 -28.42
N LYS E 65 6.21 -7.93 -27.74
CA LYS E 65 6.38 -6.51 -27.48
C LYS E 65 6.67 -5.76 -28.78
N GLY E 66 5.96 -4.65 -28.98
CA GLY E 66 6.09 -3.85 -30.17
C GLY E 66 5.30 -4.33 -31.35
N ARG E 67 4.81 -5.57 -31.32
CA ARG E 67 4.03 -6.14 -32.41
C ARG E 67 2.54 -6.25 -32.09
N PHE E 68 2.19 -6.46 -30.83
CA PHE E 68 0.81 -6.64 -30.41
C PHE E 68 0.34 -5.39 -29.70
N THR E 69 -0.93 -5.03 -29.92
CA THR E 69 -1.56 -3.92 -29.22
C THR E 69 -2.84 -4.41 -28.56
N ILE E 70 -3.05 -4.01 -27.32
CA ILE E 70 -4.24 -4.37 -26.56
C ILE E 70 -5.05 -3.11 -26.32
N SER E 71 -6.37 -3.22 -26.46
CA SER E 71 -7.25 -2.08 -26.23
C SER E 71 -8.63 -2.59 -25.81
N ARG E 72 -9.37 -1.71 -25.15
CA ARG E 72 -10.74 -1.97 -24.73
C ARG E 72 -11.58 -0.74 -25.05
N ASP E 73 -12.88 -0.97 -25.21
CA ASP E 73 -13.84 0.14 -25.26
C ASP E 73 -15.00 -0.26 -24.36
N ASN E 74 -15.12 0.42 -23.22
CA ASN E 74 -16.02 -0.04 -22.17
C ASN E 74 -17.48 0.17 -22.55
N SER E 75 -17.74 1.00 -23.57
CA SER E 75 -19.13 1.24 -23.95
C SER E 75 -19.78 -0.01 -24.55
N LYS E 76 -19.08 -0.72 -25.43
CA LYS E 76 -19.62 -1.94 -26.01
C LYS E 76 -19.17 -3.20 -25.28
N ASN E 77 -18.40 -3.07 -24.20
CA ASN E 77 -17.94 -4.21 -23.41
C ASN E 77 -17.11 -5.15 -24.27
N THR E 78 -16.17 -4.60 -25.04
CA THR E 78 -15.35 -5.37 -25.97
C THR E 78 -13.88 -5.16 -25.66
N LEU E 79 -13.12 -6.25 -25.75
CA LEU E 79 -11.66 -6.23 -25.60
C LEU E 79 -11.03 -6.58 -26.94
N TYR E 80 -9.95 -5.88 -27.29
CA TYR E 80 -9.33 -6.00 -28.59
C TYR E 80 -7.86 -6.38 -28.45
N LEU E 81 -7.39 -7.21 -29.38
CA LEU E 81 -5.97 -7.50 -29.54
C LEU E 81 -5.62 -7.32 -31.01
N GLN E 82 -4.74 -6.37 -31.30
CA GLN E 82 -4.29 -6.10 -32.65
C GLN E 82 -2.89 -6.67 -32.82
N MET E 83 -2.75 -7.62 -33.74
CA MET E 83 -1.49 -8.34 -33.96
C MET E 83 -0.93 -7.97 -35.31
N ASN E 84 0.30 -7.47 -35.32
CA ASN E 84 0.96 -7.05 -36.55
C ASN E 84 2.26 -7.83 -36.73
N SER E 85 2.69 -7.95 -37.99
CA SER E 85 3.91 -8.67 -38.35
C SER E 85 3.89 -10.09 -37.78
N LEU E 86 2.76 -10.77 -37.95
CA LEU E 86 2.56 -12.09 -37.35
C LEU E 86 3.57 -13.09 -37.92
N ARG E 87 4.17 -13.86 -37.03
CA ARG E 87 5.10 -14.92 -37.40
C ARG E 87 4.44 -16.28 -37.15
N ALA E 88 5.11 -17.33 -37.62
CA ALA E 88 4.60 -18.68 -37.41
C ALA E 88 4.55 -19.04 -35.94
N GLU E 89 5.43 -18.44 -35.13
CA GLU E 89 5.46 -18.73 -33.70
C GLU E 89 4.22 -18.20 -33.00
N ASP E 90 3.43 -17.35 -33.67
CA ASP E 90 2.24 -16.80 -33.07
C ASP E 90 1.03 -17.72 -33.22
N THR E 91 1.21 -18.86 -33.88
CA THR E 91 0.11 -19.80 -34.05
C THR E 91 -0.26 -20.43 -32.71
N ALA E 92 -1.50 -20.19 -32.28
CA ALA E 92 -1.97 -20.66 -30.98
C ALA E 92 -3.48 -20.46 -30.91
N VAL E 93 -4.06 -20.89 -29.80
CA VAL E 93 -5.44 -20.57 -29.45
C VAL E 93 -5.38 -19.42 -28.46
N TYR E 94 -6.04 -18.32 -28.79
CA TYR E 94 -5.97 -17.10 -28.00
C TYR E 94 -7.20 -16.98 -27.12
N TYR E 95 -7.00 -16.69 -25.83
CA TYR E 95 -8.07 -16.55 -24.87
C TYR E 95 -8.08 -15.13 -24.31
N CYS E 96 -9.27 -14.54 -24.24
CA CYS E 96 -9.48 -13.39 -23.39
C CYS E 96 -9.93 -13.86 -22.01
N LEU E 97 -9.29 -13.35 -20.96
CA LEU E 97 -9.46 -13.90 -19.63
C LEU E 97 -9.78 -12.79 -18.64
N TYR E 98 -10.82 -12.99 -17.85
CA TYR E 98 -11.09 -12.19 -16.67
C TYR E 98 -10.68 -13.05 -15.47
N GLY E 99 -9.43 -12.90 -15.06
CA GLY E 99 -8.91 -13.72 -13.99
C GLY E 99 -7.57 -13.19 -13.52
N GLY E 100 -6.92 -13.98 -12.67
CA GLY E 100 -5.69 -13.55 -12.05
C GLY E 100 -5.94 -12.55 -10.94
N ASN E 101 -6.67 -12.97 -9.92
CA ASN E 101 -7.09 -12.08 -8.84
C ASN E 101 -7.19 -12.88 -7.55
N SER E 102 -7.27 -12.15 -6.44
CA SER E 102 -7.26 -12.78 -5.13
C SER E 102 -8.64 -13.24 -4.66
N TYR E 103 -9.72 -12.77 -5.29
CA TYR E 103 -11.06 -13.11 -4.83
C TYR E 103 -11.68 -14.30 -5.57
N GLY E 104 -10.97 -14.88 -6.52
CA GLY E 104 -11.41 -16.14 -7.10
C GLY E 104 -12.36 -16.05 -8.27
N MET E 105 -12.44 -14.91 -8.94
CA MET E 105 -13.25 -14.76 -10.15
C MET E 105 -12.40 -15.10 -11.36
N ASP E 106 -12.82 -16.11 -12.12
CA ASP E 106 -12.03 -16.63 -13.24
C ASP E 106 -12.98 -16.94 -14.38
N VAL E 107 -12.90 -16.15 -15.46
CA VAL E 107 -13.75 -16.32 -16.63
C VAL E 107 -12.86 -16.41 -17.86
N TRP E 108 -12.97 -17.50 -18.60
CA TRP E 108 -12.25 -17.70 -19.84
C TRP E 108 -13.23 -17.65 -21.01
N GLY E 109 -12.69 -17.38 -22.19
CA GLY E 109 -13.46 -17.50 -23.41
C GLY E 109 -13.43 -18.91 -23.94
N GLN E 110 -14.06 -19.09 -25.10
CA GLN E 110 -14.05 -20.39 -25.76
C GLN E 110 -12.75 -20.64 -26.53
N GLY E 111 -11.99 -19.59 -26.83
CA GLY E 111 -10.75 -19.74 -27.55
C GLY E 111 -10.90 -19.56 -29.05
N THR E 112 -10.09 -18.69 -29.64
CA THR E 112 -10.08 -18.49 -31.08
C THR E 112 -8.72 -18.90 -31.62
N MET E 113 -8.72 -19.69 -32.69
CA MET E 113 -7.50 -20.25 -33.26
C MET E 113 -6.93 -19.30 -34.31
N VAL E 114 -5.65 -18.99 -34.17
CA VAL E 114 -4.90 -18.21 -35.15
C VAL E 114 -3.79 -19.09 -35.69
N THR E 115 -3.80 -19.33 -37.00
CA THR E 115 -2.80 -20.16 -37.65
C THR E 115 -2.02 -19.29 -38.65
N VAL E 116 -0.71 -19.25 -38.49
CA VAL E 116 0.16 -18.44 -39.33
C VAL E 116 1.03 -19.39 -40.14
N PHE E 117 0.77 -19.47 -41.44
CA PHE E 117 1.57 -20.31 -42.33
C PHE E 117 1.42 -19.81 -43.75
N ASN E 118 2.35 -20.24 -44.61
CA ASN E 118 2.38 -19.83 -46.00
C ASN E 118 1.52 -20.75 -46.86
N1 A1AWR F . -2.18 -8.80 -13.16
C2 A1AWR F . -0.64 -5.75 -14.00
C3 A1AWR F . 0.80 -5.39 -14.03
C4 A1AWR F . 1.37 -4.62 -13.01
C5 A1AWR F . 2.71 -4.31 -13.04
C6 A1AWR F . 3.53 -4.76 -14.08
C11 A1AWR F . 6.34 -1.41 -12.78
C12 A1AWR F . 7.04 -3.26 -11.30
C21 A1AWR F . 7.61 -9.48 -18.26
C22 A1AWR F . 6.20 -9.04 -17.92
C24 A1AWR F . 1.60 -5.86 -15.06
C25 A1AWR F . -1.71 -4.89 -14.33
C29 A1AWR F . -1.51 -3.47 -14.77
N3 A1AWR F . 3.74 -6.02 -16.14
C8 A1AWR F . 5.04 -5.70 -16.13
N4 A1AWR F . 5.65 -4.96 -15.20
C9 A1AWR F . 4.94 -4.48 -14.18
N5 A1AWR F . 5.61 -3.71 -13.23
C10 A1AWR F . 5.17 -2.35 -12.91
C7 A1AWR F . 2.97 -5.55 -15.11
N2 A1AWR F . -0.82 -7.02 -13.62
C1 A1AWR F . -2.06 -7.52 -13.54
O1 A1AWR F . 9.29 -1.64 -10.75
O2 A1AWR F . 5.78 -6.17 -17.13
C14 A1AWR F . 8.05 -4.37 -13.35
N6 A1AWR F . 7.32 -1.90 -11.79
C15 A1AWR F . 8.37 -1.15 -11.38
N7 A1AWR F . 7.37 -7.33 -19.06
C16 A1AWR F . 8.35 0.32 -11.73
C19 A1AWR F . 6.01 -7.82 -18.82
C18 A1AWR F . 5.10 -6.75 -18.25
C17 A1AWR F . 9.52 0.73 -12.59
C13 A1AWR F . 6.79 -4.19 -12.48
C20 A1AWR F . 8.27 -8.12 -18.22
C26 A1AWR F . -3.02 -5.42 -14.25
C27 A1AWR F . -4.23 -4.57 -14.59
C28 A1AWR F . -3.20 -6.73 -13.85
C23 A1AWR F . 7.77 -7.36 -20.46
CL1 A1AWR F . 0.39 -4.04 -11.71
F1 A1AWR F . 1.06 -6.61 -16.05
F2 A1AWR F . -2.04 -2.59 -13.94
F3 A1AWR F . -0.25 -3.09 -14.85
F4 A1AWR F . -1.98 -3.22 -15.97
#